data_6HMN
#
_entry.id   6HMN
#
_cell.length_a   67.330
_cell.length_b   89.630
_cell.length_c   96.250
_cell.angle_alpha   90.00
_cell.angle_beta   90.00
_cell.angle_gamma   90.00
#
_symmetry.space_group_name_H-M   'P 21 21 21'
#
loop_
_entity.id
_entity.type
_entity.pdbx_description
1 polymer 'Poly(ADP-ribose) glycohydrolase'
2 non-polymer 'DIMETHYL SULFOXIDE'
3 non-polymer GLYCEROL
4 non-polymer 3-methyl-6-[[(1-methylcyclopropyl)amino]-bis(oxidanyl)-$l^{4}-sulfanyl]-1-(phenylmethyl)quinazoline-2,4-dione
5 non-polymer 'SULFATE ION'
6 water water
#
_entity_poly.entity_id   1
_entity_poly.type   'polypeptide(L)'
_entity_poly.pdbx_seq_one_letter_code
;GSSPDKKWLGTPIEEMRRMPRCGIRLPLLRPSANHTVTIRVDLLRAGEVPKPFPTHYKDLWDNKHVKMPCSEQNLYPVED
ENGERTAGSRWELIQTALLNKFTRPQNLKDAILKYNVAYSKKWDFTALIDFWDKVLEEAEAQHLYQSILPDMVKIALCLP
NICTQPIPLLAAAMNHSITMSQEQIASLLANAFFCTFPRRNAKMKSEYSSYPDINFNRLFEGRSSRKPEKLKTLFCYFRR
VTAAAPTGLVTFTRQSLEDFPEWERCEKPLTRLHVTYEGTIEENGQGMLQVDFANRFVGGGVTSAGLVQEEIRFLINPEL
IISRLFTEVLDHNECLIITGTEQYSEYTGYAETYRWSRSHEDGSERDDWQRRCTEIVAIDALHFRRYLDQFVPEKMRREL
NKAYCGFLRPGVSSENLSAVATGNWGCGAFGGDARLKALIQILAAAAAERDVVYFTFGDSELMRDIYSMHIFLTERKLTV
GDVYKLLLRYYNEECRNCSTPGPDIKLYPFIYHAVESCAETADHSGQRTGT
;
_entity_poly.pdbx_strand_id   A
#
loop_
_chem_comp.id
_chem_comp.type
_chem_comp.name
_chem_comp.formula
70J non-polymer 3-methyl-6-[[(1-methylcyclopropyl)amino]-bis(oxidanyl)-$l^{4}-sulfanyl]-1-(phenylmethyl)quinazoline-2,4-dione 'C20 H23 N3 O4 S'
DMS non-polymer 'DIMETHYL SULFOXIDE' 'C2 H6 O S'
GOL non-polymer GLYCEROL 'C3 H8 O3'
SO4 non-polymer 'SULFATE ION' 'O4 S -2'
#
# COMPACT_ATOMS: atom_id res chain seq x y z
N ASP A 5 -0.44 35.14 -5.27
CA ASP A 5 0.15 34.03 -4.50
C ASP A 5 -0.56 32.66 -4.72
N LYS A 6 -1.08 32.43 -5.98
CA LYS A 6 -1.80 31.27 -6.53
C LYS A 6 -1.39 29.94 -5.87
N LYS A 7 -2.34 29.27 -5.16
CA LYS A 7 -2.08 28.03 -4.42
C LYS A 7 -1.98 26.72 -5.25
N TRP A 8 -2.25 26.81 -6.56
CA TRP A 8 -2.18 25.71 -7.52
C TRP A 8 -1.90 26.23 -8.93
N LEU A 9 -1.33 25.38 -9.82
CA LEU A 9 -1.03 25.78 -11.19
C LEU A 9 -1.35 24.70 -12.22
N GLY A 10 -1.70 25.14 -13.42
CA GLY A 10 -1.95 24.29 -14.58
C GLY A 10 -3.40 24.13 -14.97
N THR A 11 -3.80 22.88 -15.21
CA THR A 11 -5.17 22.53 -15.60
C THR A 11 -5.99 22.49 -14.34
N PRO A 12 -7.22 23.05 -14.34
CA PRO A 12 -8.04 22.98 -13.13
C PRO A 12 -8.28 21.52 -12.69
N ILE A 13 -8.28 21.27 -11.37
CA ILE A 13 -8.50 19.91 -10.88
C ILE A 13 -9.90 19.35 -11.25
N GLU A 14 -10.85 20.25 -11.56
CA GLU A 14 -12.22 19.87 -11.96
C GLU A 14 -12.25 19.29 -13.38
N GLU A 15 -11.29 19.67 -14.21
CA GLU A 15 -11.14 19.22 -15.59
C GLU A 15 -10.37 17.90 -15.65
N MET A 16 -9.71 17.52 -14.55
CA MET A 16 -8.91 16.28 -14.51
C MET A 16 -9.81 15.07 -14.42
N ARG A 17 -9.57 14.04 -15.28
CA ARG A 17 -10.40 12.83 -15.29
C ARG A 17 -10.43 12.15 -13.93
N ARG A 18 -11.65 12.15 -13.35
CA ARG A 18 -12.05 11.53 -12.08
C ARG A 18 -12.94 10.31 -12.42
N MET A 19 -12.97 9.28 -11.56
CA MET A 19 -13.74 8.02 -11.78
C MET A 19 -14.97 7.77 -10.80
N PRO A 20 -15.90 6.79 -11.01
CA PRO A 20 -15.95 5.73 -12.04
C PRO A 20 -16.38 6.22 -13.42
N ARG A 25 -18.14 1.34 -17.38
CA ARG A 25 -18.77 0.04 -17.11
C ARG A 25 -17.76 -1.06 -16.80
N LEU A 26 -18.25 -2.15 -16.13
CA LEU A 26 -17.44 -3.31 -15.70
C LEU A 26 -17.86 -4.68 -16.31
N PRO A 27 -16.89 -5.50 -16.81
CA PRO A 27 -17.25 -6.83 -17.33
C PRO A 27 -17.63 -7.78 -16.19
N LEU A 28 -18.57 -8.70 -16.44
CA LEU A 28 -19.01 -9.63 -15.39
C LEU A 28 -17.85 -10.26 -14.61
N LEU A 29 -17.87 -10.08 -13.27
CA LEU A 29 -16.86 -10.60 -12.32
C LEU A 29 -17.01 -12.10 -12.25
N ARG A 30 -15.98 -12.84 -12.64
CA ARG A 30 -16.01 -14.31 -12.63
C ARG A 30 -14.63 -14.82 -12.35
N PRO A 31 -14.46 -16.02 -11.76
CA PRO A 31 -13.08 -16.51 -11.54
C PRO A 31 -12.49 -16.97 -12.86
N SER A 32 -11.17 -16.91 -12.95
CA SER A 32 -10.48 -17.32 -14.16
C SER A 32 -9.09 -17.81 -13.81
N ALA A 33 -8.36 -18.34 -14.81
CA ALA A 33 -7.00 -18.85 -14.65
C ALA A 33 -6.11 -17.85 -13.88
N ASN A 34 -6.24 -16.55 -14.20
CA ASN A 34 -5.49 -15.45 -13.59
C ASN A 34 -6.33 -14.54 -12.67
N HIS A 35 -7.45 -15.05 -12.14
CA HIS A 35 -8.30 -14.25 -11.23
C HIS A 35 -9.02 -15.12 -10.19
N THR A 36 -8.75 -14.82 -8.90
CA THR A 36 -9.35 -15.51 -7.77
C THR A 36 -10.53 -14.68 -7.21
N VAL A 37 -11.75 -15.26 -7.16
CA VAL A 37 -12.97 -14.65 -6.59
C VAL A 37 -13.43 -15.61 -5.51
N THR A 38 -13.34 -15.18 -4.23
CA THR A 38 -13.61 -15.98 -3.01
C THR A 38 -15.04 -15.86 -2.42
N ILE A 39 -15.94 -15.18 -3.18
CA ILE A 39 -17.32 -14.91 -2.79
C ILE A 39 -18.27 -15.35 -3.90
N ARG A 40 -19.56 -15.47 -3.54
CA ARG A 40 -20.67 -15.87 -4.43
C ARG A 40 -21.12 -14.68 -5.26
N VAL A 41 -20.75 -14.68 -6.55
CA VAL A 41 -21.04 -13.59 -7.46
C VAL A 41 -22.54 -13.50 -7.72
N ASP A 42 -23.17 -14.65 -7.98
CA ASP A 42 -24.61 -14.76 -8.25
C ASP A 42 -25.45 -14.08 -7.18
N LEU A 43 -24.98 -14.11 -5.90
CA LEU A 43 -25.63 -13.51 -4.74
C LEU A 43 -25.08 -12.13 -4.34
N LEU A 44 -24.03 -11.63 -5.06
CA LEU A 44 -23.43 -10.32 -4.75
C LEU A 44 -24.44 -9.23 -5.00
N ARG A 45 -24.86 -8.55 -3.93
CA ARG A 45 -25.86 -7.50 -3.98
C ARG A 45 -25.55 -6.34 -3.04
N ALA A 46 -25.86 -5.10 -3.49
CA ALA A 46 -25.63 -3.83 -2.78
C ALA A 46 -26.25 -3.82 -1.39
N GLY A 47 -25.50 -3.46 -0.37
CA GLY A 47 -26.04 -3.42 0.99
C GLY A 47 -26.10 -4.76 1.72
N GLU A 48 -26.00 -5.87 0.94
CA GLU A 48 -25.95 -7.25 1.40
C GLU A 48 -24.49 -7.67 1.65
N VAL A 49 -24.23 -8.35 2.79
CA VAL A 49 -22.90 -8.87 3.16
C VAL A 49 -22.59 -10.09 2.20
N PRO A 50 -21.48 -10.12 1.44
CA PRO A 50 -21.22 -11.25 0.52
C PRO A 50 -21.21 -12.65 1.15
N LYS A 51 -21.67 -13.66 0.42
CA LYS A 51 -21.67 -15.04 0.92
C LYS A 51 -20.37 -15.63 0.40
N PRO A 52 -19.55 -16.25 1.28
CA PRO A 52 -18.28 -16.86 0.81
C PRO A 52 -18.45 -18.06 -0.14
N PHE A 53 -17.57 -18.20 -1.16
CA PHE A 53 -17.57 -19.37 -2.06
C PHE A 53 -16.22 -20.12 -1.98
N PRO A 54 -16.15 -21.43 -1.64
CA PRO A 54 -17.25 -22.39 -1.37
C PRO A 54 -17.99 -22.20 -0.06
N THR A 55 -18.99 -23.07 0.19
CA THR A 55 -19.81 -23.12 1.39
C THR A 55 -18.99 -23.68 2.57
N HIS A 56 -18.37 -24.86 2.37
CA HIS A 56 -17.55 -25.50 3.40
C HIS A 56 -16.11 -25.22 3.16
N TYR A 57 -15.37 -25.03 4.24
CA TYR A 57 -13.93 -24.69 4.20
C TYR A 57 -13.13 -25.70 3.36
N LYS A 58 -12.28 -25.16 2.47
CA LYS A 58 -11.41 -25.93 1.58
C LYS A 58 -9.96 -25.58 1.93
N ASP A 59 -9.17 -26.59 2.29
CA ASP A 59 -7.79 -26.34 2.68
C ASP A 59 -6.74 -26.65 1.62
N LEU A 60 -5.68 -25.83 1.63
CA LEU A 60 -4.44 -25.97 0.86
C LEU A 60 -3.29 -25.55 1.79
N TRP A 61 -2.22 -26.35 1.79
CA TRP A 61 -1.01 -26.21 2.58
C TRP A 61 0.16 -26.53 1.64
N ASP A 62 0.48 -25.58 0.72
CA ASP A 62 1.54 -25.72 -0.28
C ASP A 62 2.36 -24.44 -0.51
N ASN A 63 3.52 -24.57 -1.18
CA ASN A 63 4.45 -23.48 -1.53
C ASN A 63 3.79 -22.43 -2.44
N LYS A 64 2.52 -22.64 -2.87
CA LYS A 64 1.76 -21.75 -3.75
C LYS A 64 0.58 -20.98 -3.11
N HIS A 65 0.25 -21.30 -1.85
CA HIS A 65 -0.87 -20.67 -1.16
C HIS A 65 -0.50 -20.19 0.25
N VAL A 66 -1.44 -19.45 0.86
CA VAL A 66 -1.39 -18.92 2.22
C VAL A 66 -1.59 -20.13 3.17
N LYS A 67 -0.75 -20.25 4.20
CA LYS A 67 -0.87 -21.31 5.20
C LYS A 67 -1.84 -20.78 6.29
N MET A 68 -3.10 -21.18 6.22
CA MET A 68 -4.14 -20.68 7.14
C MET A 68 -3.98 -21.19 8.57
N PRO A 69 -4.20 -20.33 9.60
CA PRO A 69 -4.10 -20.81 11.00
C PRO A 69 -5.06 -21.92 11.37
N CYS A 70 -6.19 -22.03 10.64
CA CYS A 70 -7.23 -23.04 10.85
C CYS A 70 -7.01 -24.39 10.10
N SER A 71 -5.93 -24.53 9.32
CA SER A 71 -5.62 -25.76 8.59
C SER A 71 -5.43 -26.97 9.50
N GLU A 72 -5.76 -28.18 9.00
CA GLU A 72 -5.57 -29.41 9.77
C GLU A 72 -4.09 -29.78 9.81
N GLN A 73 -3.28 -29.17 8.90
CA GLN A 73 -1.82 -29.32 8.79
C GLN A 73 -1.08 -28.32 9.67
N ASN A 74 -1.83 -27.46 10.36
CA ASN A 74 -1.23 -26.51 11.31
C ASN A 74 -1.17 -27.20 12.70
N LEU A 75 0.00 -27.81 12.99
CA LEU A 75 0.27 -28.60 14.21
C LEU A 75 1.53 -28.11 14.95
N TYR A 76 1.62 -28.45 16.25
CA TYR A 76 2.77 -28.11 17.12
C TYR A 76 3.26 -29.36 17.91
N PRO A 77 4.59 -29.49 18.22
CA PRO A 77 5.05 -30.66 18.99
C PRO A 77 4.55 -30.71 20.43
N VAL A 78 4.19 -31.93 20.92
CA VAL A 78 3.67 -32.20 22.28
C VAL A 78 4.46 -33.38 22.94
N GLU A 79 4.50 -33.40 24.29
CA GLU A 79 5.15 -34.44 25.11
C GLU A 79 4.44 -35.80 24.95
N ASP A 80 5.14 -36.77 24.31
CA ASP A 80 4.64 -38.12 24.02
C ASP A 80 5.07 -39.16 25.06
N THR A 86 3.12 -37.53 19.43
CA THR A 86 2.02 -36.61 19.73
C THR A 86 2.24 -35.23 19.08
N ALA A 87 1.29 -34.82 18.21
CA ALA A 87 1.30 -33.54 17.51
C ALA A 87 -0.10 -32.96 17.63
N GLY A 88 -0.24 -31.94 18.47
CA GLY A 88 -1.50 -31.27 18.73
C GLY A 88 -1.89 -30.31 17.62
N SER A 89 -3.16 -29.87 17.61
CA SER A 89 -3.62 -28.92 16.59
C SER A 89 -3.43 -27.49 17.10
N ARG A 90 -2.72 -26.65 16.33
CA ARG A 90 -2.46 -25.26 16.70
C ARG A 90 -3.71 -24.36 16.70
N TRP A 91 -4.76 -24.72 15.92
CA TRP A 91 -6.00 -23.95 15.83
C TRP A 91 -6.84 -24.16 17.06
N GLU A 92 -6.75 -25.37 17.67
CA GLU A 92 -7.45 -25.69 18.91
C GLU A 92 -6.78 -24.89 20.05
N LEU A 93 -5.43 -24.82 20.01
CA LEU A 93 -4.60 -24.08 20.96
C LEU A 93 -5.07 -22.62 20.93
N ILE A 94 -5.10 -21.98 19.70
CA ILE A 94 -5.55 -20.60 19.43
C ILE A 94 -6.93 -20.29 20.03
N GLN A 95 -7.89 -21.20 19.84
CA GLN A 95 -9.25 -21.04 20.35
C GLN A 95 -9.24 -21.03 21.87
N THR A 96 -8.63 -22.09 22.45
CA THR A 96 -8.50 -22.30 23.90
C THR A 96 -7.78 -21.12 24.52
N ALA A 97 -6.76 -20.56 23.81
CA ALA A 97 -5.99 -19.41 24.27
C ALA A 97 -6.81 -18.10 24.27
N LEU A 98 -7.52 -17.80 23.16
CA LEU A 98 -8.25 -16.54 22.96
C LEU A 98 -9.66 -16.45 23.56
N LEU A 99 -10.18 -17.57 24.05
CA LEU A 99 -11.52 -17.56 24.64
C LEU A 99 -11.59 -17.24 26.17
N ASN A 100 -10.52 -16.65 26.72
CA ASN A 100 -10.41 -16.22 28.11
C ASN A 100 -10.77 -14.73 28.23
N LYS A 101 -11.07 -14.23 29.43
CA LYS A 101 -11.33 -12.80 29.56
C LYS A 101 -10.09 -11.96 29.92
N PHE A 102 -9.58 -11.22 28.92
CA PHE A 102 -8.45 -10.32 29.12
C PHE A 102 -8.97 -9.11 29.88
N THR A 103 -8.43 -8.81 31.07
CA THR A 103 -8.88 -7.66 31.86
C THR A 103 -7.70 -6.77 32.29
N ARG A 104 -6.49 -7.15 31.80
CA ARG A 104 -5.19 -6.55 32.07
C ARG A 104 -4.31 -6.88 30.86
N PRO A 105 -3.40 -5.97 30.38
CA PRO A 105 -2.60 -6.25 29.18
C PRO A 105 -1.88 -7.60 29.13
N GLN A 106 -1.36 -8.03 30.29
CA GLN A 106 -0.66 -9.29 30.47
C GLN A 106 -1.50 -10.49 30.01
N ASN A 107 -2.84 -10.41 30.18
CA ASN A 107 -3.76 -11.48 29.80
C ASN A 107 -3.71 -11.75 28.32
N LEU A 108 -3.59 -10.67 27.51
CA LEU A 108 -3.50 -10.72 26.05
C LEU A 108 -2.12 -11.21 25.61
N LYS A 109 -1.02 -10.72 26.26
CA LYS A 109 0.35 -11.13 25.98
C LYS A 109 0.45 -12.64 26.16
N ASP A 110 -0.01 -13.14 27.32
CA ASP A 110 -0.03 -14.56 27.68
C ASP A 110 -0.88 -15.42 26.75
N ALA A 111 -1.93 -14.83 26.14
CA ALA A 111 -2.79 -15.53 25.18
C ALA A 111 -2.08 -15.66 23.83
N ILE A 112 -1.42 -14.58 23.32
CA ILE A 112 -0.68 -14.59 22.06
C ILE A 112 0.50 -15.58 22.14
N LEU A 113 1.20 -15.59 23.29
CA LEU A 113 2.38 -16.42 23.56
C LEU A 113 2.11 -17.92 23.80
N LYS A 114 0.83 -18.28 24.02
CA LYS A 114 0.41 -19.67 24.26
C LYS A 114 0.60 -20.54 23.03
N TYR A 115 0.37 -19.95 21.84
CA TYR A 115 0.52 -20.58 20.53
C TYR A 115 1.69 -20.00 19.77
N ASN A 116 2.58 -19.30 20.48
CA ASN A 116 3.79 -18.67 19.95
C ASN A 116 4.90 -18.80 21.00
N VAL A 117 5.18 -20.07 21.38
CA VAL A 117 6.14 -20.43 22.44
C VAL A 117 7.54 -19.98 22.19
N ALA A 118 8.10 -20.30 20.99
CA ALA A 118 9.48 -19.95 20.63
C ALA A 118 9.85 -18.45 20.75
N TYR A 119 8.83 -17.55 20.78
CA TYR A 119 8.99 -16.09 20.82
C TYR A 119 8.65 -15.43 22.14
N SER A 120 8.25 -16.23 23.14
CA SER A 120 7.89 -15.77 24.49
C SER A 120 8.98 -14.87 25.14
N LYS A 121 10.23 -14.98 24.68
CA LYS A 121 11.32 -14.17 25.21
C LYS A 121 11.91 -13.20 24.19
N LYS A 122 11.48 -13.27 22.93
CA LYS A 122 11.92 -12.41 21.81
C LYS A 122 10.93 -11.27 21.57
N TRP A 123 9.64 -11.53 21.81
CA TRP A 123 8.55 -10.58 21.60
C TRP A 123 8.31 -9.70 22.80
N ASP A 124 8.43 -8.40 22.57
CA ASP A 124 8.19 -7.41 23.59
C ASP A 124 6.78 -6.81 23.43
N PHE A 125 6.05 -6.69 24.57
CA PHE A 125 4.67 -6.21 24.61
C PHE A 125 4.50 -4.86 25.34
N THR A 126 5.61 -4.08 25.45
CA THR A 126 5.71 -2.77 26.13
C THR A 126 4.72 -1.73 25.62
N ALA A 127 4.64 -1.56 24.31
CA ALA A 127 3.76 -0.57 23.71
C ALA A 127 2.30 -0.94 23.95
N LEU A 128 1.98 -2.26 23.94
CA LEU A 128 0.64 -2.75 24.20
C LEU A 128 0.25 -2.49 25.66
N ILE A 129 1.18 -2.73 26.60
CA ILE A 129 1.02 -2.50 28.04
C ILE A 129 0.84 -1.00 28.30
N ASP A 130 1.78 -0.16 27.79
CA ASP A 130 1.79 1.31 27.90
C ASP A 130 0.54 1.99 27.31
N PHE A 131 -0.04 1.44 26.23
CA PHE A 131 -1.22 2.02 25.62
C PHE A 131 -2.45 1.76 26.51
N TRP A 132 -2.57 0.53 27.02
CA TRP A 132 -3.67 0.06 27.85
C TRP A 132 -3.62 0.67 29.27
N ASP A 133 -2.42 0.66 29.89
CA ASP A 133 -2.21 1.13 31.24
C ASP A 133 -1.81 2.60 31.36
N LYS A 134 -1.18 3.20 30.34
CA LYS A 134 -0.66 4.57 30.50
C LYS A 134 -1.23 5.65 29.57
N VAL A 135 -1.73 5.25 28.38
CA VAL A 135 -2.31 6.12 27.37
C VAL A 135 -3.83 6.15 27.55
N LEU A 136 -4.53 4.98 27.41
CA LEU A 136 -5.99 4.88 27.54
C LEU A 136 -6.53 5.29 28.90
N GLU A 137 -7.72 5.90 28.92
CA GLU A 137 -8.41 6.29 30.17
C GLU A 137 -9.14 5.03 30.67
N GLU A 138 -9.50 4.96 31.97
CA GLU A 138 -10.14 3.76 32.53
C GLU A 138 -11.32 3.25 31.72
N ALA A 139 -12.29 4.14 31.41
CA ALA A 139 -13.47 3.81 30.61
C ALA A 139 -13.09 3.38 29.20
N GLU A 140 -12.03 4.00 28.61
CA GLU A 140 -11.57 3.65 27.27
C GLU A 140 -10.99 2.27 27.28
N ALA A 141 -10.11 1.98 28.26
CA ALA A 141 -9.52 0.65 28.43
C ALA A 141 -10.61 -0.35 28.79
N GLN A 142 -11.66 0.12 29.48
CA GLN A 142 -12.80 -0.73 29.85
C GLN A 142 -13.53 -1.20 28.60
N HIS A 143 -13.66 -0.32 27.60
CA HIS A 143 -14.30 -0.61 26.33
C HIS A 143 -13.42 -1.56 25.49
N LEU A 144 -12.09 -1.55 25.74
CA LEU A 144 -11.15 -2.40 25.02
C LEU A 144 -11.28 -3.89 25.45
N TYR A 145 -11.05 -4.18 26.74
CA TYR A 145 -11.08 -5.55 27.23
C TYR A 145 -12.46 -6.17 27.31
N GLN A 146 -13.51 -5.32 27.31
CA GLN A 146 -14.87 -5.77 27.43
C GLN A 146 -15.59 -5.88 26.13
N SER A 147 -15.48 -4.88 25.23
CA SER A 147 -16.16 -4.92 23.93
C SER A 147 -15.28 -5.22 22.71
N ILE A 148 -14.35 -4.31 22.30
CA ILE A 148 -13.52 -4.51 21.09
C ILE A 148 -12.81 -5.89 20.99
N LEU A 149 -11.95 -6.23 21.97
CA LEU A 149 -11.18 -7.46 22.03
C LEU A 149 -12.02 -8.76 21.97
N PRO A 150 -13.08 -8.92 22.77
CA PRO A 150 -13.95 -10.10 22.62
C PRO A 150 -14.50 -10.24 21.20
N ASP A 151 -14.94 -9.09 20.60
CA ASP A 151 -15.51 -9.00 19.26
C ASP A 151 -14.44 -9.28 18.20
N MET A 152 -13.16 -8.97 18.50
CA MET A 152 -12.04 -9.21 17.60
C MET A 152 -11.74 -10.71 17.55
N VAL A 153 -11.67 -11.36 18.73
CA VAL A 153 -11.48 -12.80 18.90
C VAL A 153 -12.60 -13.56 18.14
N LYS A 154 -13.88 -13.10 18.30
CA LYS A 154 -15.01 -13.70 17.62
C LYS A 154 -14.87 -13.76 16.08
N ILE A 155 -14.47 -12.64 15.43
CA ILE A 155 -14.28 -12.58 13.96
C ILE A 155 -13.01 -13.36 13.52
N ALA A 156 -11.97 -13.43 14.38
CA ALA A 156 -10.74 -14.18 14.12
C ALA A 156 -11.06 -15.68 14.10
N LEU A 157 -11.81 -16.14 15.13
CA LEU A 157 -12.11 -17.56 15.32
C LEU A 157 -13.10 -18.12 14.33
N CYS A 158 -13.83 -17.21 13.68
CA CYS A 158 -14.84 -17.46 12.67
C CYS A 158 -14.20 -17.74 11.29
N LEU A 159 -12.86 -17.52 11.15
CA LEU A 159 -12.09 -17.66 9.90
C LEU A 159 -12.48 -18.85 9.00
N PRO A 160 -12.65 -20.11 9.49
CA PRO A 160 -13.02 -21.21 8.57
C PRO A 160 -14.34 -21.00 7.81
N ASN A 161 -15.26 -20.21 8.39
CA ASN A 161 -16.59 -19.91 7.85
C ASN A 161 -16.56 -18.70 6.94
N ILE A 162 -15.57 -17.82 7.13
CA ILE A 162 -15.44 -16.58 6.35
C ILE A 162 -14.53 -16.80 5.12
N CYS A 163 -13.33 -17.39 5.33
CA CYS A 163 -12.35 -17.65 4.27
C CYS A 163 -12.29 -19.11 3.88
N THR A 164 -13.34 -19.56 3.18
CA THR A 164 -13.53 -20.96 2.76
C THR A 164 -12.64 -21.42 1.61
N GLN A 165 -12.24 -20.51 0.72
CA GLN A 165 -11.42 -20.82 -0.45
C GLN A 165 -9.93 -20.52 -0.24
N PRO A 166 -9.03 -21.48 -0.59
CA PRO A 166 -7.59 -21.21 -0.51
C PRO A 166 -7.18 -19.95 -1.29
N ILE A 167 -6.44 -19.06 -0.63
CA ILE A 167 -5.97 -17.79 -1.20
C ILE A 167 -4.57 -18.04 -1.85
N PRO A 168 -4.35 -17.71 -3.14
CA PRO A 168 -3.02 -17.94 -3.72
C PRO A 168 -2.05 -16.84 -3.31
N LEU A 169 -0.74 -17.11 -3.39
CA LEU A 169 0.24 -16.09 -3.09
C LEU A 169 0.50 -15.36 -4.43
N LEU A 170 0.43 -14.01 -4.44
CA LEU A 170 0.74 -13.21 -5.61
C LEU A 170 2.27 -13.19 -5.62
N ALA A 171 2.85 -14.24 -6.24
CA ALA A 171 4.30 -14.46 -6.31
C ALA A 171 4.90 -13.67 -7.44
N ALA A 172 6.22 -13.31 -7.31
CA ALA A 172 6.93 -12.54 -8.33
C ALA A 172 6.85 -13.22 -9.68
N ALA A 173 6.57 -12.39 -10.71
CA ALA A 173 6.40 -12.67 -12.13
C ALA A 173 4.93 -12.85 -12.53
N MET A 174 4.07 -13.32 -11.58
CA MET A 174 2.63 -13.52 -11.78
C MET A 174 1.86 -12.23 -12.06
N ASN A 175 0.93 -12.31 -13.02
CA ASN A 175 -0.04 -11.28 -13.38
C ASN A 175 -1.37 -11.89 -12.97
N HIS A 176 -1.68 -11.74 -11.68
CA HIS A 176 -2.85 -12.33 -11.05
C HIS A 176 -3.57 -11.31 -10.16
N SER A 177 -4.90 -11.49 -9.99
CA SER A 177 -5.77 -10.67 -9.13
C SER A 177 -6.54 -11.57 -8.17
N ILE A 178 -6.81 -11.06 -6.93
CA ILE A 178 -7.60 -11.74 -5.88
C ILE A 178 -8.73 -10.80 -5.45
N THR A 179 -9.97 -11.07 -5.87
CA THR A 179 -11.14 -10.30 -5.43
C THR A 179 -11.79 -11.03 -4.25
N MET A 180 -11.87 -10.35 -3.10
CA MET A 180 -12.38 -10.89 -1.82
C MET A 180 -13.15 -9.81 -1.04
N SER A 181 -14.15 -10.22 -0.26
CA SER A 181 -14.96 -9.28 0.54
C SER A 181 -14.18 -8.58 1.65
N GLN A 182 -14.63 -7.38 2.05
CA GLN A 182 -14.04 -6.62 3.16
C GLN A 182 -14.21 -7.41 4.45
N GLU A 183 -15.33 -8.20 4.59
CA GLU A 183 -15.59 -9.05 5.78
C GLU A 183 -14.49 -10.09 5.93
N GLN A 184 -14.13 -10.73 4.80
CA GLN A 184 -13.04 -11.70 4.72
C GLN A 184 -11.69 -11.09 5.08
N ILE A 185 -11.49 -9.82 4.71
CA ILE A 185 -10.24 -9.13 5.05
C ILE A 185 -10.14 -8.87 6.59
N ALA A 186 -11.30 -8.51 7.26
CA ALA A 186 -11.37 -8.24 8.69
C ALA A 186 -11.09 -9.46 9.50
N SER A 187 -11.70 -10.62 9.15
CA SER A 187 -11.42 -11.88 9.84
C SER A 187 -9.93 -12.19 9.76
N LEU A 188 -9.36 -12.03 8.53
CA LEU A 188 -7.92 -12.20 8.26
C LEU A 188 -7.04 -11.25 9.08
N LEU A 189 -7.36 -9.94 9.13
CA LEU A 189 -6.58 -8.97 9.92
C LEU A 189 -6.70 -9.13 11.43
N ALA A 190 -7.85 -9.67 11.94
CA ALA A 190 -8.02 -9.99 13.39
C ALA A 190 -7.05 -11.14 13.74
N ASN A 191 -6.81 -12.06 12.79
CA ASN A 191 -5.84 -13.13 12.98
C ASN A 191 -4.40 -12.63 12.97
N ALA A 192 -4.10 -11.57 12.19
CA ALA A 192 -2.77 -10.99 12.15
C ALA A 192 -2.50 -10.21 13.46
N PHE A 193 -3.55 -9.57 14.02
CA PHE A 193 -3.45 -8.84 15.30
C PHE A 193 -3.05 -9.83 16.37
N PHE A 194 -3.76 -10.98 16.39
CA PHE A 194 -3.55 -12.04 17.35
C PHE A 194 -2.37 -12.94 17.02
N CYS A 195 -1.59 -12.59 15.97
CA CYS A 195 -0.37 -13.26 15.53
C CYS A 195 -0.56 -14.77 15.27
N THR A 196 -1.66 -15.11 14.56
CA THR A 196 -2.02 -16.50 14.30
C THR A 196 -1.50 -17.10 13.00
N PHE A 197 -0.96 -16.30 12.06
CA PHE A 197 -0.46 -16.89 10.82
C PHE A 197 0.81 -17.70 11.00
N PRO A 198 0.75 -19.01 10.68
CA PRO A 198 1.94 -19.86 10.87
C PRO A 198 2.97 -19.66 9.76
N ARG A 199 4.24 -19.91 10.09
CA ARG A 199 5.39 -19.87 9.20
C ARG A 199 5.77 -18.48 8.66
N ARG A 200 5.36 -17.42 9.39
CA ARG A 200 5.67 -16.01 9.06
C ARG A 200 6.37 -15.28 10.23
N ASN A 201 7.02 -16.01 11.15
CA ASN A 201 7.62 -15.38 12.33
C ASN A 201 9.13 -15.31 12.41
N ALA A 202 9.81 -16.45 12.21
CA ALA A 202 11.26 -16.51 12.32
C ALA A 202 12.01 -15.76 11.22
N LYS A 203 12.99 -14.97 11.62
CA LYS A 203 13.83 -14.18 10.71
C LYS A 203 14.84 -15.03 9.92
N MET A 204 14.96 -16.33 10.23
CA MET A 204 15.93 -17.20 9.55
C MET A 204 15.37 -18.20 8.52
N LYS A 205 14.04 -18.26 8.37
CA LYS A 205 13.38 -19.16 7.40
C LYS A 205 13.54 -18.62 5.96
N SER A 206 13.41 -19.52 4.96
CA SER A 206 13.49 -19.13 3.55
C SER A 206 12.16 -19.32 2.84
N GLU A 207 11.11 -19.69 3.59
CA GLU A 207 9.79 -19.90 3.02
C GLU A 207 9.09 -18.57 2.71
N TYR A 208 9.23 -17.59 3.62
CA TYR A 208 8.58 -16.29 3.46
C TYR A 208 9.53 -15.11 3.62
N SER A 209 10.85 -15.34 3.44
CA SER A 209 11.85 -14.26 3.56
C SER A 209 11.67 -13.18 2.48
N SER A 210 11.13 -13.55 1.31
CA SER A 210 10.83 -12.62 0.22
C SER A 210 9.43 -11.99 0.39
N TYR A 211 8.76 -12.22 1.56
CA TYR A 211 7.43 -11.70 1.85
C TYR A 211 7.48 -10.74 3.05
N PRO A 212 6.62 -9.69 3.13
CA PRO A 212 6.68 -8.81 4.32
C PRO A 212 5.93 -9.43 5.52
N ASP A 213 6.33 -9.01 6.75
CA ASP A 213 5.73 -9.39 8.02
C ASP A 213 4.21 -9.16 7.97
N ILE A 214 3.45 -10.15 8.44
CA ILE A 214 2.00 -10.04 8.49
C ILE A 214 1.51 -9.93 9.93
N ASN A 215 1.93 -10.88 10.83
CA ASN A 215 1.51 -10.86 12.22
C ASN A 215 1.95 -9.53 12.85
N PHE A 216 1.06 -8.91 13.64
CA PHE A 216 1.18 -7.59 14.29
C PHE A 216 2.04 -7.55 15.55
N ASN A 217 2.87 -8.57 15.79
CA ASN A 217 3.72 -8.62 16.97
C ASN A 217 4.60 -7.40 17.18
N ARG A 218 5.23 -6.90 16.11
CA ARG A 218 6.16 -5.76 16.20
C ARG A 218 5.53 -4.43 16.58
N LEU A 219 4.21 -4.33 16.50
CA LEU A 219 3.43 -3.15 16.87
C LEU A 219 3.38 -3.00 18.38
N PHE A 220 3.64 -4.11 19.11
CA PHE A 220 3.52 -4.15 20.55
C PHE A 220 4.84 -3.87 21.28
N GLU A 221 5.95 -3.70 20.55
CA GLU A 221 7.26 -3.49 21.16
C GLU A 221 7.71 -2.06 21.33
N GLY A 222 8.59 -1.85 22.32
CA GLY A 222 9.22 -0.59 22.67
C GLY A 222 8.35 0.49 23.26
N ARG A 223 8.93 1.69 23.40
CA ARG A 223 8.25 2.87 23.96
C ARG A 223 8.16 4.05 23.00
N SER A 224 7.86 3.80 21.71
CA SER A 224 7.73 4.93 20.77
C SER A 224 6.40 5.62 21.06
N SER A 225 6.38 6.97 21.09
CA SER A 225 5.15 7.73 21.36
C SER A 225 4.11 7.55 20.22
N ARG A 226 4.58 7.06 19.04
CA ARG A 226 3.81 6.84 17.83
C ARG A 226 2.94 5.60 17.82
N LYS A 227 3.41 4.47 18.43
CA LYS A 227 2.66 3.18 18.50
C LYS A 227 1.27 3.33 19.13
N PRO A 228 1.05 4.12 20.25
CA PRO A 228 -0.33 4.29 20.76
C PRO A 228 -1.23 4.91 19.71
N GLU A 229 -0.68 5.82 18.89
CA GLU A 229 -1.41 6.43 17.81
C GLU A 229 -1.76 5.42 16.71
N LYS A 230 -0.80 4.54 16.32
CA LYS A 230 -1.02 3.47 15.33
C LYS A 230 -2.09 2.50 15.84
N LEU A 231 -2.04 2.16 17.15
CA LEU A 231 -2.97 1.28 17.83
C LEU A 231 -4.38 1.89 17.89
N LYS A 232 -4.50 3.21 18.21
CA LYS A 232 -5.79 3.94 18.23
C LYS A 232 -6.41 3.84 16.82
N THR A 233 -5.57 4.02 15.76
CA THR A 233 -6.00 3.94 14.35
C THR A 233 -6.59 2.58 14.04
N LEU A 234 -5.82 1.52 14.34
CA LEU A 234 -6.20 0.13 14.12
C LEU A 234 -7.41 -0.31 14.93
N PHE A 235 -7.49 0.10 16.20
CA PHE A 235 -8.64 -0.27 17.02
C PHE A 235 -9.90 0.43 16.56
N CYS A 236 -9.76 1.65 15.97
CA CYS A 236 -10.91 2.37 15.37
C CYS A 236 -11.50 1.50 14.21
N TYR A 237 -10.61 0.92 13.37
CA TYR A 237 -10.94 0.00 12.29
C TYR A 237 -11.61 -1.24 12.87
N PHE A 238 -10.95 -1.98 13.77
CA PHE A 238 -11.52 -3.19 14.35
C PHE A 238 -12.83 -2.94 15.04
N ARG A 239 -12.98 -1.76 15.70
CA ARG A 239 -14.27 -1.44 16.32
C ARG A 239 -15.37 -1.38 15.22
N ARG A 240 -15.14 -0.58 14.13
CA ARG A 240 -16.09 -0.41 13.00
C ARG A 240 -16.63 -1.73 12.42
N VAL A 241 -15.72 -2.51 11.79
CA VAL A 241 -15.95 -3.79 11.12
C VAL A 241 -16.59 -4.86 12.02
N THR A 242 -16.26 -4.86 13.34
CA THR A 242 -16.86 -5.83 14.28
C THR A 242 -18.28 -5.42 14.63
N ALA A 243 -18.54 -4.09 14.75
CA ALA A 243 -19.85 -3.50 15.06
C ALA A 243 -20.85 -3.71 13.90
N ALA A 244 -20.44 -3.37 12.68
CA ALA A 244 -21.24 -3.55 11.47
C ALA A 244 -20.38 -4.26 10.45
N ALA A 245 -20.86 -5.38 9.91
CA ALA A 245 -20.14 -6.15 8.88
C ALA A 245 -20.01 -5.34 7.61
N PRO A 246 -18.78 -5.18 7.06
CA PRO A 246 -18.64 -4.43 5.79
C PRO A 246 -19.29 -5.21 4.66
N THR A 247 -19.94 -4.51 3.71
CA THR A 247 -20.69 -5.15 2.62
C THR A 247 -19.99 -5.24 1.27
N GLY A 248 -18.95 -4.45 1.09
CA GLY A 248 -18.23 -4.38 -0.17
C GLY A 248 -17.13 -5.39 -0.41
N LEU A 249 -16.47 -5.25 -1.59
CA LEU A 249 -15.36 -6.06 -2.09
C LEU A 249 -14.10 -5.22 -2.26
N VAL A 250 -12.94 -5.92 -2.47
CA VAL A 250 -11.59 -5.39 -2.67
C VAL A 250 -10.81 -6.28 -3.67
N THR A 251 -10.17 -5.68 -4.71
CA THR A 251 -9.35 -6.37 -5.72
C THR A 251 -7.87 -6.03 -5.57
N PHE A 252 -7.01 -7.08 -5.51
CA PHE A 252 -5.57 -6.95 -5.38
C PHE A 252 -4.95 -7.54 -6.62
N THR A 253 -4.41 -6.68 -7.55
CA THR A 253 -3.76 -7.09 -8.80
C THR A 253 -2.23 -6.94 -8.74
N ARG A 254 -1.50 -7.98 -9.18
CA ARG A 254 -0.04 -7.91 -9.30
C ARG A 254 0.25 -7.75 -10.79
N GLN A 255 0.84 -6.62 -11.18
CA GLN A 255 1.10 -6.33 -12.58
C GLN A 255 2.57 -6.36 -12.84
N SER A 256 2.99 -7.30 -13.68
CA SER A 256 4.38 -7.49 -14.10
C SER A 256 4.46 -7.19 -15.60
N LEU A 257 5.45 -6.36 -16.01
CA LEU A 257 5.63 -6.04 -17.43
C LEU A 257 6.87 -6.66 -18.05
N GLU A 258 6.67 -7.29 -19.23
CA GLU A 258 7.73 -7.96 -19.97
C GLU A 258 8.40 -6.93 -20.87
N ASP A 259 7.60 -6.29 -21.75
CA ASP A 259 8.08 -5.27 -22.70
C ASP A 259 7.92 -3.83 -22.16
N PHE A 260 9.05 -3.09 -22.09
CA PHE A 260 9.09 -1.68 -21.66
C PHE A 260 9.43 -0.75 -22.83
N PRO A 261 9.00 0.54 -22.79
CA PRO A 261 9.27 1.43 -23.93
C PRO A 261 10.74 1.75 -24.16
N GLU A 262 11.12 2.06 -25.42
CA GLU A 262 12.47 2.49 -25.77
C GLU A 262 12.44 4.01 -25.59
N TRP A 263 12.57 4.44 -24.31
CA TRP A 263 12.47 5.83 -23.84
C TRP A 263 13.08 6.91 -24.73
N GLU A 264 14.28 6.65 -25.26
CA GLU A 264 15.03 7.54 -26.15
C GLU A 264 14.31 7.81 -27.46
N ARG A 265 13.52 6.83 -27.94
CA ARG A 265 12.76 6.93 -29.19
C ARG A 265 11.23 6.86 -28.95
N CYS A 266 10.70 7.58 -27.90
CA CYS A 266 9.25 7.60 -27.60
C CYS A 266 8.62 8.89 -28.15
N GLU A 267 7.81 8.77 -29.21
CA GLU A 267 7.21 9.90 -29.93
C GLU A 267 6.03 10.62 -29.25
N LYS A 268 5.52 10.06 -28.13
CA LYS A 268 4.37 10.60 -27.37
C LYS A 268 4.59 12.00 -26.77
N PRO A 269 3.61 12.91 -26.85
CA PRO A 269 3.78 14.21 -26.19
C PRO A 269 3.43 14.15 -24.69
N LEU A 270 3.62 15.28 -23.97
CA LEU A 270 3.26 15.35 -22.56
C LEU A 270 1.75 15.54 -22.43
N THR A 271 1.18 15.02 -21.31
CA THR A 271 -0.24 15.12 -20.96
C THR A 271 -0.49 16.40 -20.14
N ARG A 272 -1.67 16.55 -19.50
CA ARG A 272 -1.98 17.78 -18.73
C ARG A 272 -1.44 17.70 -17.33
N LEU A 273 -1.23 18.85 -16.68
CA LEU A 273 -0.75 18.84 -15.30
C LEU A 273 -1.42 19.85 -14.42
N HIS A 274 -1.79 19.41 -13.20
CA HIS A 274 -2.28 20.20 -12.08
C HIS A 274 -1.21 20.02 -10.99
N VAL A 275 -0.63 21.13 -10.53
CA VAL A 275 0.41 21.10 -9.52
C VAL A 275 0.08 22.06 -8.40
N THR A 276 0.05 21.54 -7.15
CA THR A 276 -0.31 22.32 -5.96
C THR A 276 0.54 22.00 -4.72
N TYR A 277 0.72 23.00 -3.83
CA TYR A 277 1.43 22.85 -2.56
C TYR A 277 0.46 22.60 -1.38
N GLU A 278 -0.84 22.48 -1.72
CA GLU A 278 -1.91 22.21 -0.75
C GLU A 278 -2.53 20.87 -1.06
N GLY A 279 -3.46 20.42 -0.23
CA GLY A 279 -4.16 19.17 -0.45
C GLY A 279 -3.34 17.90 -0.26
N THR A 280 -4.06 16.77 -0.26
CA THR A 280 -3.55 15.42 -0.08
C THR A 280 -4.05 14.48 -1.16
N ILE A 281 -3.36 13.32 -1.30
CA ILE A 281 -3.67 12.28 -2.28
C ILE A 281 -5.04 11.66 -1.99
N GLU A 282 -5.33 11.25 -0.74
CA GLU A 282 -6.62 10.69 -0.33
C GLU A 282 -7.83 11.64 -0.46
N GLU A 283 -7.67 12.95 -0.15
CA GLU A 283 -8.79 13.90 -0.18
C GLU A 283 -9.07 14.54 -1.55
N ASN A 284 -8.03 15.09 -2.16
CA ASN A 284 -8.13 15.79 -3.42
C ASN A 284 -7.92 14.92 -4.64
N GLY A 285 -7.46 13.69 -4.42
CA GLY A 285 -7.21 12.75 -5.50
C GLY A 285 -8.32 11.74 -5.67
N GLN A 286 -9.51 12.04 -5.10
CA GLN A 286 -10.71 11.19 -5.17
C GLN A 286 -11.12 10.87 -6.62
N GLY A 287 -11.27 9.57 -6.90
CA GLY A 287 -11.60 9.10 -8.25
C GLY A 287 -10.44 9.16 -9.22
N MET A 288 -9.18 9.17 -8.69
CA MET A 288 -7.95 9.21 -9.49
C MET A 288 -7.04 8.08 -9.06
N LEU A 289 -6.03 7.75 -9.90
CA LEU A 289 -5.10 6.68 -9.55
C LEU A 289 -4.15 7.26 -8.56
N GLN A 290 -4.36 6.92 -7.30
CA GLN A 290 -3.58 7.39 -6.16
C GLN A 290 -2.30 6.60 -6.05
N VAL A 291 -1.18 7.32 -5.99
CA VAL A 291 0.12 6.66 -5.89
C VAL A 291 0.52 6.47 -4.42
N ASP A 292 0.99 5.27 -4.12
CA ASP A 292 1.54 4.92 -2.81
C ASP A 292 3.07 4.91 -2.96
N PHE A 293 3.75 5.76 -2.18
CA PHE A 293 5.20 5.86 -2.21
C PHE A 293 5.73 4.64 -1.45
N ALA A 294 5.62 3.47 -2.10
CA ALA A 294 5.89 2.13 -1.59
C ALA A 294 7.32 1.74 -1.27
N ASN A 295 7.40 0.64 -0.49
CA ASN A 295 8.60 -0.09 -0.10
C ASN A 295 8.56 -1.42 -0.88
N ARG A 296 9.71 -1.97 -1.38
CA ARG A 296 9.66 -3.26 -2.13
C ARG A 296 8.82 -4.32 -1.41
N PHE A 297 8.85 -4.32 -0.07
CA PHE A 297 8.00 -5.16 0.76
C PHE A 297 6.83 -4.21 1.09
N VAL A 298 5.71 -4.38 0.35
CA VAL A 298 4.49 -3.57 0.45
C VAL A 298 4.10 -3.26 1.88
N GLY A 299 3.74 -2.01 2.13
CA GLY A 299 3.32 -1.56 3.46
C GLY A 299 4.43 -1.09 4.38
N GLY A 300 5.69 -1.30 3.97
CA GLY A 300 6.90 -0.93 4.72
C GLY A 300 6.86 -1.45 6.14
N GLY A 301 7.06 -0.54 7.10
CA GLY A 301 6.99 -0.88 8.52
C GLY A 301 5.65 -0.50 9.14
N VAL A 302 4.52 -0.92 8.53
CA VAL A 302 3.19 -0.60 9.05
C VAL A 302 2.90 -1.27 10.37
N THR A 303 3.34 -2.55 10.47
CA THR A 303 3.16 -3.41 11.64
C THR A 303 4.33 -3.26 12.64
N SER A 304 5.17 -2.20 12.51
CA SER A 304 6.31 -1.96 13.39
C SER A 304 6.56 -0.48 13.69
N ALA A 305 7.79 -0.01 13.45
CA ALA A 305 8.18 1.38 13.73
C ALA A 305 7.87 2.44 12.65
N GLY A 306 7.92 2.06 11.37
CA GLY A 306 7.70 2.98 10.25
C GLY A 306 6.39 3.74 10.27
N LEU A 307 6.43 5.08 10.08
CA LEU A 307 5.20 5.89 10.11
C LEU A 307 5.14 7.05 9.09
N VAL A 308 5.47 6.77 7.82
CA VAL A 308 5.41 7.81 6.79
C VAL A 308 4.32 7.54 5.72
N GLN A 309 4.33 8.28 4.59
CA GLN A 309 3.34 8.17 3.51
C GLN A 309 2.66 6.81 3.32
N GLU A 310 3.42 5.72 3.20
CA GLU A 310 2.86 4.40 3.02
C GLU A 310 2.16 3.89 4.28
N GLU A 311 2.87 3.95 5.44
CA GLU A 311 2.36 3.46 6.72
C GLU A 311 1.10 4.19 7.13
N ILE A 312 1.07 5.56 6.97
CA ILE A 312 -0.10 6.38 7.31
C ILE A 312 -1.34 5.89 6.54
N ARG A 313 -1.19 5.66 5.22
CA ARG A 313 -2.25 5.15 4.34
C ARG A 313 -2.69 3.77 4.73
N PHE A 314 -1.73 2.90 5.04
CA PHE A 314 -2.01 1.53 5.44
C PHE A 314 -2.74 1.53 6.80
N LEU A 315 -2.55 2.59 7.64
CA LEU A 315 -3.24 2.75 8.94
C LEU A 315 -4.66 3.34 8.77
N ILE A 316 -4.81 4.36 7.89
CA ILE A 316 -6.09 5.00 7.63
C ILE A 316 -6.99 4.15 6.76
N ASN A 317 -6.38 3.33 5.87
CA ASN A 317 -7.06 2.36 4.99
C ASN A 317 -6.53 0.91 5.33
N PRO A 318 -6.95 0.32 6.49
CA PRO A 318 -6.44 -1.01 6.89
C PRO A 318 -6.54 -2.22 5.94
N GLU A 319 -7.46 -2.24 4.96
CA GLU A 319 -7.54 -3.40 4.03
C GLU A 319 -6.30 -3.43 3.08
N LEU A 320 -5.43 -2.41 3.23
CA LEU A 320 -4.17 -2.40 2.49
C LEU A 320 -3.16 -3.34 3.17
N ILE A 321 -3.22 -3.44 4.53
CA ILE A 321 -2.33 -4.29 5.32
C ILE A 321 -2.38 -5.72 4.85
N ILE A 322 -3.57 -6.24 4.48
CA ILE A 322 -3.71 -7.63 4.00
C ILE A 322 -2.89 -8.05 2.73
N SER A 323 -2.52 -7.06 1.87
CA SER A 323 -1.67 -7.34 0.71
C SER A 323 -0.37 -8.01 1.16
N ARG A 324 0.10 -7.72 2.41
CA ARG A 324 1.31 -8.27 3.02
C ARG A 324 1.25 -9.78 3.22
N LEU A 325 0.05 -10.34 3.31
CA LEU A 325 -0.16 -11.78 3.49
C LEU A 325 0.23 -12.62 2.22
N PHE A 326 -0.03 -12.07 1.00
CA PHE A 326 0.16 -12.73 -0.29
C PHE A 326 1.02 -12.02 -1.37
N THR A 327 1.47 -10.80 -1.13
CA THR A 327 2.30 -10.08 -2.10
C THR A 327 3.80 -10.31 -1.84
N GLU A 328 4.45 -11.05 -2.77
CA GLU A 328 5.90 -11.30 -2.74
C GLU A 328 6.60 -9.99 -2.98
N VAL A 329 7.79 -9.81 -2.44
CA VAL A 329 8.61 -8.61 -2.63
C VAL A 329 8.59 -8.14 -4.11
N LEU A 330 8.31 -6.85 -4.33
CA LEU A 330 8.21 -6.26 -5.67
C LEU A 330 9.56 -6.18 -6.42
N ASP A 331 9.65 -6.86 -7.58
CA ASP A 331 10.87 -6.72 -8.40
C ASP A 331 10.65 -5.48 -9.30
N HIS A 332 11.73 -4.86 -9.82
CA HIS A 332 11.69 -3.63 -10.63
C HIS A 332 10.55 -3.50 -11.64
N ASN A 333 10.14 -4.61 -12.29
CA ASN A 333 9.12 -4.58 -13.33
C ASN A 333 7.70 -4.74 -12.82
N GLU A 334 7.53 -4.84 -11.51
CA GLU A 334 6.23 -5.09 -10.90
C GLU A 334 5.71 -3.93 -10.06
N CYS A 335 4.39 -3.94 -9.81
CA CYS A 335 3.63 -2.99 -9.00
C CYS A 335 2.47 -3.77 -8.43
N LEU A 336 1.78 -3.24 -7.40
CA LEU A 336 0.57 -3.85 -6.82
C LEU A 336 -0.60 -2.88 -6.94
N ILE A 337 -1.67 -3.27 -7.65
CA ILE A 337 -2.85 -2.42 -7.77
C ILE A 337 -3.99 -2.89 -6.79
N ILE A 338 -4.33 -2.07 -5.75
CA ILE A 338 -5.41 -2.37 -4.78
C ILE A 338 -6.64 -1.47 -5.02
N THR A 339 -7.77 -2.06 -5.46
CA THR A 339 -9.02 -1.33 -5.74
C THR A 339 -10.16 -1.71 -4.80
N GLY A 340 -10.77 -0.71 -4.21
CA GLY A 340 -11.89 -0.92 -3.31
C GLY A 340 -11.67 -0.73 -1.83
N THR A 341 -10.51 -0.23 -1.41
CA THR A 341 -10.25 -0.03 0.02
C THR A 341 -10.98 1.17 0.57
N GLU A 342 -11.47 1.05 1.83
CA GLU A 342 -12.24 2.06 2.57
C GLU A 342 -11.37 2.76 3.57
N GLN A 343 -11.63 4.07 3.78
CA GLN A 343 -10.94 4.89 4.79
C GLN A 343 -11.79 4.93 6.07
N TYR A 344 -11.24 4.37 7.15
CA TYR A 344 -11.93 4.33 8.44
C TYR A 344 -11.50 5.46 9.40
N SER A 345 -10.33 6.09 9.16
CA SER A 345 -9.84 7.12 10.09
C SER A 345 -9.45 8.45 9.45
N GLU A 346 -9.53 9.51 10.25
CA GLU A 346 -9.06 10.84 9.90
C GLU A 346 -7.81 11.07 10.76
N TYR A 347 -6.79 11.73 10.22
CA TYR A 347 -5.55 11.89 10.97
C TYR A 347 -4.97 13.30 10.90
N THR A 348 -4.02 13.58 11.79
CA THR A 348 -3.27 14.84 11.82
C THR A 348 -1.77 14.53 11.91
N GLY A 349 -0.96 15.47 11.42
CA GLY A 349 0.49 15.31 11.43
C GLY A 349 1.02 14.29 10.45
N TYR A 350 2.30 13.94 10.63
CA TYR A 350 3.12 13.05 9.81
C TYR A 350 4.34 12.59 10.60
N ALA A 351 4.85 11.38 10.28
CA ALA A 351 6.01 10.76 10.90
C ALA A 351 5.99 10.79 12.45
N GLU A 352 6.88 11.57 13.09
CA GLU A 352 7.00 11.69 14.55
C GLU A 352 5.90 12.54 15.23
N THR A 353 5.01 13.16 14.42
CA THR A 353 3.90 14.00 14.88
C THR A 353 2.55 13.46 14.43
N TYR A 354 2.50 12.19 13.92
CA TYR A 354 1.25 11.56 13.48
C TYR A 354 0.30 11.34 14.64
N ARG A 355 -0.93 11.86 14.50
CA ARG A 355 -1.96 11.66 15.51
C ARG A 355 -3.28 11.21 14.88
N TRP A 356 -3.95 10.24 15.53
CA TRP A 356 -5.27 9.77 15.12
C TRP A 356 -6.32 10.84 15.55
N SER A 357 -6.97 11.49 14.56
CA SER A 357 -7.99 12.54 14.75
C SER A 357 -9.32 12.02 15.25
N ARG A 358 -10.13 11.46 14.32
CA ARG A 358 -11.47 10.90 14.56
C ARG A 358 -11.80 9.77 13.56
N SER A 359 -12.97 9.15 13.75
CA SER A 359 -13.53 8.14 12.87
C SER A 359 -13.98 8.87 11.64
N HIS A 360 -13.73 8.27 10.47
CA HIS A 360 -14.12 8.81 9.18
C HIS A 360 -15.15 7.91 8.55
N GLU A 361 -16.19 8.51 7.95
CA GLU A 361 -17.20 7.73 7.24
C GLU A 361 -16.93 7.96 5.76
N ASP A 362 -16.34 6.94 5.08
CA ASP A 362 -16.01 7.04 3.65
C ASP A 362 -17.30 7.09 2.84
N GLY A 363 -17.51 8.20 2.13
CA GLY A 363 -18.71 8.42 1.35
C GLY A 363 -18.56 8.14 -0.13
N SER A 364 -17.54 7.35 -0.49
CA SER A 364 -17.26 6.95 -1.85
C SER A 364 -18.35 6.00 -2.34
N GLU A 365 -18.58 6.00 -3.64
CA GLU A 365 -19.57 5.15 -4.28
C GLU A 365 -18.93 3.79 -4.53
N ARG A 366 -19.76 2.77 -4.83
CA ARG A 366 -19.22 1.45 -5.12
C ARG A 366 -19.49 1.15 -6.56
N ASP A 367 -18.57 0.41 -7.22
CA ASP A 367 -18.76 0.03 -8.61
C ASP A 367 -19.64 -1.25 -8.77
N ASP A 368 -19.81 -1.75 -10.01
CA ASP A 368 -20.61 -2.94 -10.33
C ASP A 368 -20.13 -4.22 -9.61
N TRP A 369 -18.90 -4.16 -9.00
CA TRP A 369 -18.29 -5.24 -8.23
C TRP A 369 -18.28 -4.87 -6.74
N GLN A 370 -19.18 -3.95 -6.35
CA GLN A 370 -19.38 -3.47 -5.00
C GLN A 370 -18.09 -3.08 -4.31
N ARG A 371 -17.09 -2.62 -5.11
CA ARG A 371 -15.77 -2.13 -4.70
C ARG A 371 -15.87 -0.61 -4.58
N ARG A 372 -15.35 0.00 -3.48
CA ARG A 372 -15.35 1.46 -3.34
C ARG A 372 -14.54 2.03 -4.50
N CYS A 373 -15.08 3.07 -5.20
CA CYS A 373 -14.44 3.72 -6.35
C CYS A 373 -13.12 4.46 -5.94
N THR A 374 -12.17 3.69 -5.31
CA THR A 374 -10.83 4.10 -4.85
C THR A 374 -9.77 3.14 -5.41
N GLU A 375 -8.84 3.67 -6.24
CA GLU A 375 -7.74 2.86 -6.81
C GLU A 375 -6.35 3.35 -6.31
N ILE A 376 -5.55 2.47 -5.70
CA ILE A 376 -4.21 2.79 -5.21
C ILE A 376 -3.18 1.86 -5.88
N VAL A 377 -2.03 2.45 -6.35
CA VAL A 377 -0.91 1.73 -6.94
C VAL A 377 0.35 1.83 -6.03
N ALA A 378 0.94 0.66 -5.73
CA ALA A 378 2.12 0.56 -4.90
C ALA A 378 3.28 0.51 -5.84
N ILE A 379 4.05 1.59 -5.88
CA ILE A 379 5.24 1.65 -6.70
C ILE A 379 6.44 2.03 -5.83
N ASP A 380 7.43 1.12 -5.74
CA ASP A 380 8.62 1.31 -4.93
C ASP A 380 9.68 2.10 -5.67
N ALA A 381 10.21 3.12 -5.01
CA ALA A 381 11.30 3.93 -5.57
C ALA A 381 12.66 3.36 -5.12
N LEU A 382 13.75 3.92 -5.64
CA LEU A 382 15.09 3.44 -5.29
C LEU A 382 15.67 4.15 -4.08
N HIS A 383 16.58 3.47 -3.41
CA HIS A 383 17.25 3.99 -2.23
C HIS A 383 18.64 4.37 -2.67
N PHE A 384 18.84 5.68 -2.89
CA PHE A 384 20.15 6.12 -3.36
C PHE A 384 21.22 6.21 -2.29
N ARG A 385 22.24 5.33 -2.43
CA ARG A 385 23.41 5.23 -1.55
C ARG A 385 24.10 6.60 -1.50
N ARG A 386 24.38 7.18 -2.68
CA ARG A 386 24.94 8.51 -2.92
C ARG A 386 23.94 9.25 -3.80
N TYR A 387 23.80 10.57 -3.59
CA TYR A 387 22.84 11.42 -4.31
C TYR A 387 23.03 11.49 -5.85
N LEU A 388 24.27 11.36 -6.37
CA LEU A 388 24.51 11.44 -7.82
C LEU A 388 24.12 10.18 -8.63
N ASP A 389 23.90 9.05 -7.93
CA ASP A 389 23.54 7.75 -8.51
C ASP A 389 22.20 7.76 -9.25
N GLN A 390 21.28 8.65 -8.87
CA GLN A 390 19.93 8.78 -9.44
C GLN A 390 19.86 9.30 -10.88
N PHE A 391 20.97 9.90 -11.36
CA PHE A 391 21.09 10.42 -12.73
C PHE A 391 21.75 9.41 -13.67
N VAL A 392 22.22 8.26 -13.10
CA VAL A 392 22.86 7.15 -13.83
C VAL A 392 21.78 6.52 -14.74
N PRO A 393 21.98 6.53 -16.10
CA PRO A 393 20.97 6.00 -17.05
C PRO A 393 20.09 4.83 -16.59
N GLU A 394 20.70 3.64 -16.28
CA GLU A 394 19.99 2.44 -15.80
C GLU A 394 19.04 2.77 -14.63
N LYS A 395 19.47 3.67 -13.72
CA LYS A 395 18.65 4.09 -12.57
C LYS A 395 17.47 5.01 -12.96
N MET A 396 17.62 5.88 -14.00
CA MET A 396 16.51 6.75 -14.47
C MET A 396 15.57 5.92 -15.32
N ARG A 397 16.12 4.93 -16.06
CA ARG A 397 15.35 4.00 -16.89
C ARG A 397 14.50 3.09 -15.99
N ARG A 398 15.05 2.74 -14.80
CA ARG A 398 14.42 1.88 -13.78
C ARG A 398 13.19 2.55 -13.20
N GLU A 399 13.34 3.82 -12.72
CA GLU A 399 12.25 4.60 -12.15
C GLU A 399 11.17 4.88 -13.18
N LEU A 400 11.59 5.13 -14.44
CA LEU A 400 10.63 5.34 -15.55
C LEU A 400 9.84 4.07 -15.82
N ASN A 401 10.49 2.89 -15.72
CA ASN A 401 9.82 1.60 -15.93
C ASN A 401 8.94 1.26 -14.75
N LYS A 402 9.35 1.69 -13.55
CA LYS A 402 8.60 1.47 -12.32
C LYS A 402 7.26 2.20 -12.40
N ALA A 403 7.34 3.54 -12.61
CA ALA A 403 6.17 4.39 -12.72
C ALA A 403 5.28 3.95 -13.90
N TYR A 404 5.86 3.71 -15.10
CA TYR A 404 5.12 3.25 -16.30
C TYR A 404 4.24 2.03 -16.01
N CYS A 405 4.80 1.05 -15.28
CA CYS A 405 4.12 -0.17 -14.90
C CYS A 405 2.88 0.16 -14.09
N GLY A 406 3.05 0.94 -13.02
CA GLY A 406 1.97 1.35 -12.13
C GLY A 406 0.89 2.17 -12.79
N PHE A 407 1.27 2.91 -13.84
CA PHE A 407 0.37 3.81 -14.60
C PHE A 407 -0.32 3.11 -15.77
N LEU A 408 0.40 2.22 -16.46
CA LEU A 408 -0.11 1.44 -17.58
C LEU A 408 -1.23 0.48 -17.23
N ARG A 409 -2.28 0.48 -18.06
CA ARG A 409 -3.42 -0.40 -17.97
C ARG A 409 -3.55 -1.12 -19.32
N PRO A 410 -2.92 -2.30 -19.44
CA PRO A 410 -2.96 -3.05 -20.70
C PRO A 410 -4.38 -3.43 -21.10
N GLY A 411 -4.82 -2.88 -22.22
CA GLY A 411 -6.14 -3.14 -22.77
C GLY A 411 -7.19 -2.11 -22.45
N VAL A 412 -6.77 -0.93 -21.93
CA VAL A 412 -7.71 0.14 -21.60
C VAL A 412 -7.48 1.35 -22.53
N SER A 413 -8.58 1.98 -22.98
CA SER A 413 -8.55 3.15 -23.85
C SER A 413 -8.22 4.42 -23.06
N SER A 414 -7.37 5.28 -23.66
CA SER A 414 -6.86 6.54 -23.14
C SER A 414 -7.90 7.42 -22.44
N GLU A 415 -9.10 7.55 -23.03
CA GLU A 415 -10.21 8.36 -22.52
C GLU A 415 -10.82 7.83 -21.25
N ASN A 416 -10.79 6.49 -21.08
CA ASN A 416 -11.34 5.82 -19.89
C ASN A 416 -10.33 5.63 -18.77
N LEU A 417 -9.23 6.40 -18.78
CA LEU A 417 -8.19 6.37 -17.74
C LEU A 417 -8.15 7.69 -16.99
N SER A 418 -8.37 7.64 -15.66
CA SER A 418 -8.37 8.79 -14.75
C SER A 418 -6.94 9.32 -14.57
N ALA A 419 -6.80 10.57 -14.11
CA ALA A 419 -5.48 11.19 -13.86
C ALA A 419 -4.71 10.42 -12.78
N VAL A 420 -3.42 10.69 -12.68
CA VAL A 420 -2.56 10.07 -11.69
C VAL A 420 -2.45 11.12 -10.59
N ALA A 421 -2.81 10.75 -9.35
CA ALA A 421 -2.64 11.64 -8.21
C ALA A 421 -1.29 11.23 -7.57
N THR A 422 -0.26 12.08 -7.71
CA THR A 422 1.07 11.76 -7.19
C THR A 422 1.74 12.91 -6.39
N GLY A 423 2.99 12.71 -5.97
CA GLY A 423 3.77 13.69 -5.22
C GLY A 423 5.22 13.32 -5.19
N ASN A 424 5.99 13.84 -4.19
CA ASN A 424 7.41 13.51 -4.04
C ASN A 424 7.63 12.05 -3.63
N TRP A 425 7.74 11.19 -4.66
CA TRP A 425 7.91 9.74 -4.58
C TRP A 425 9.38 9.42 -4.40
N GLY A 426 9.71 8.68 -3.35
CA GLY A 426 11.07 8.29 -3.01
C GLY A 426 11.98 9.42 -2.59
N CYS A 427 11.45 10.39 -1.82
CA CYS A 427 12.24 11.54 -1.36
C CYS A 427 12.10 11.76 0.16
N GLY A 428 13.19 11.46 0.86
CA GLY A 428 13.32 11.57 2.30
C GLY A 428 14.64 10.98 2.73
N ALA A 429 14.59 9.74 3.23
CA ALA A 429 15.77 8.97 3.61
C ALA A 429 16.28 8.21 2.37
N PHE A 430 15.51 8.26 1.25
CA PHE A 430 15.79 7.65 -0.05
C PHE A 430 16.68 8.53 -0.96
N GLY A 431 16.69 9.83 -0.68
CA GLY A 431 17.55 10.82 -1.32
C GLY A 431 17.17 11.40 -2.67
N GLY A 432 16.03 10.96 -3.22
CA GLY A 432 15.53 11.39 -4.52
C GLY A 432 15.46 12.89 -4.75
N ASP A 433 15.81 13.33 -5.98
CA ASP A 433 15.74 14.73 -6.38
C ASP A 433 14.32 14.91 -6.81
N ALA A 434 13.61 15.78 -6.08
CA ALA A 434 12.21 16.10 -6.30
C ALA A 434 11.93 16.47 -7.76
N ARG A 435 12.77 17.37 -8.31
CA ARG A 435 12.70 17.91 -9.66
C ARG A 435 12.93 16.85 -10.73
N LEU A 436 13.85 15.87 -10.48
CA LEU A 436 14.05 14.75 -11.40
C LEU A 436 12.87 13.81 -11.31
N LYS A 437 12.51 13.33 -10.08
CA LYS A 437 11.37 12.42 -9.88
C LYS A 437 10.11 12.94 -10.54
N ALA A 438 9.83 14.26 -10.36
CA ALA A 438 8.69 14.93 -10.97
C ALA A 438 8.71 14.75 -12.50
N LEU A 439 9.89 14.89 -13.15
CA LEU A 439 9.99 14.68 -14.60
C LEU A 439 9.78 13.23 -14.96
N ILE A 440 10.45 12.27 -14.26
CA ILE A 440 10.21 10.83 -14.48
C ILE A 440 8.72 10.45 -14.43
N GLN A 441 7.98 10.92 -13.39
CA GLN A 441 6.53 10.66 -13.26
C GLN A 441 5.72 11.25 -14.41
N ILE A 442 6.01 12.50 -14.78
CA ILE A 442 5.42 13.22 -15.89
C ILE A 442 5.65 12.44 -17.22
N LEU A 443 6.88 11.91 -17.45
CA LEU A 443 7.25 11.12 -18.64
C LEU A 443 6.61 9.71 -18.63
N ALA A 444 6.39 9.14 -17.43
CA ALA A 444 5.77 7.81 -17.27
C ALA A 444 4.29 7.87 -17.58
N ALA A 445 3.64 8.93 -17.10
CA ALA A 445 2.23 9.18 -17.25
C ALA A 445 1.89 9.50 -18.70
N ALA A 446 2.79 10.20 -19.38
CA ALA A 446 2.64 10.60 -20.77
C ALA A 446 2.69 9.36 -21.67
N ALA A 447 3.64 8.43 -21.37
CA ALA A 447 3.82 7.16 -22.11
C ALA A 447 2.63 6.23 -21.91
N ALA A 448 1.89 6.40 -20.81
CA ALA A 448 0.73 5.58 -20.45
C ALA A 448 -0.62 6.34 -20.62
N GLU A 449 -0.57 7.47 -21.39
CA GLU A 449 -1.67 8.38 -21.74
C GLU A 449 -2.60 8.74 -20.57
N ARG A 450 -2.00 9.34 -19.51
CA ARG A 450 -2.71 9.76 -18.28
C ARG A 450 -2.26 11.16 -17.89
N ASP A 451 -3.19 12.05 -17.45
CA ASP A 451 -2.80 13.38 -16.97
C ASP A 451 -2.16 13.25 -15.56
N VAL A 452 -1.50 14.32 -15.04
CA VAL A 452 -0.84 14.25 -13.73
C VAL A 452 -1.40 15.30 -12.74
N VAL A 453 -1.77 14.86 -11.53
CA VAL A 453 -2.18 15.74 -10.45
C VAL A 453 -1.07 15.58 -9.38
N TYR A 454 -0.22 16.63 -9.21
CA TYR A 454 0.97 16.60 -8.37
C TYR A 454 0.86 17.50 -7.12
N PHE A 455 1.06 16.86 -5.95
CA PHE A 455 1.01 17.50 -4.64
C PHE A 455 2.44 17.68 -4.16
N THR A 456 2.85 18.93 -3.86
CA THR A 456 4.23 19.25 -3.47
C THR A 456 4.45 19.35 -1.96
N PHE A 457 3.38 19.15 -1.17
CA PHE A 457 3.39 19.13 0.29
C PHE A 457 4.03 20.34 1.01
N GLY A 458 3.39 21.51 0.86
CA GLY A 458 3.84 22.74 1.49
C GLY A 458 4.92 23.50 0.73
N ASP A 459 5.64 22.82 -0.19
CA ASP A 459 6.70 23.43 -1.00
C ASP A 459 6.07 24.27 -2.11
N SER A 460 6.10 25.60 -1.94
CA SER A 460 5.54 26.54 -2.91
C SER A 460 6.47 26.68 -4.10
N GLU A 461 7.80 26.71 -3.83
CA GLU A 461 8.86 26.81 -4.85
C GLU A 461 8.76 25.64 -5.84
N LEU A 462 8.86 24.39 -5.33
CA LEU A 462 8.79 23.16 -6.13
C LEU A 462 7.64 23.19 -7.12
N MET A 463 6.44 23.61 -6.68
CA MET A 463 5.24 23.69 -7.50
C MET A 463 5.44 24.62 -8.69
N ARG A 464 5.96 25.85 -8.45
CA ARG A 464 6.27 26.82 -9.51
C ARG A 464 7.30 26.22 -10.51
N ASP A 465 8.33 25.52 -9.97
CA ASP A 465 9.38 24.86 -10.74
C ASP A 465 8.89 23.72 -11.60
N ILE A 466 7.96 22.90 -11.09
CA ILE A 466 7.41 21.78 -11.86
C ILE A 466 6.50 22.35 -12.96
N TYR A 467 5.61 23.29 -12.58
CA TYR A 467 4.72 23.95 -13.53
C TYR A 467 5.51 24.55 -14.70
N SER A 468 6.51 25.39 -14.42
CA SER A 468 7.35 26.06 -15.41
C SER A 468 8.03 25.11 -16.36
N MET A 469 8.53 23.98 -15.84
CA MET A 469 9.22 23.01 -16.68
C MET A 469 8.23 22.35 -17.64
N HIS A 470 7.10 21.89 -17.07
CA HIS A 470 6.03 21.29 -17.84
C HIS A 470 5.59 22.24 -18.96
N ILE A 471 5.23 23.49 -18.63
CA ILE A 471 4.82 24.50 -19.62
C ILE A 471 5.88 24.79 -20.70
N PHE A 472 7.18 24.79 -20.32
CA PHE A 472 8.30 25.03 -21.22
C PHE A 472 8.40 23.87 -22.25
N LEU A 473 8.32 22.60 -21.77
CA LEU A 473 8.41 21.43 -22.62
C LEU A 473 7.19 21.30 -23.58
N THR A 474 5.97 21.59 -23.06
CA THR A 474 4.67 21.57 -23.76
C THR A 474 4.65 22.53 -24.96
N GLU A 475 5.03 23.81 -24.72
CA GLU A 475 5.03 24.89 -25.70
C GLU A 475 6.03 24.65 -26.80
N ARG A 476 7.28 24.30 -26.45
CA ARG A 476 8.32 24.00 -27.43
C ARG A 476 8.10 22.60 -28.09
N LYS A 477 6.99 21.91 -27.72
CA LYS A 477 6.51 20.61 -28.24
C LYS A 477 7.53 19.45 -28.33
N LEU A 478 8.12 19.08 -27.16
CA LEU A 478 9.09 18.00 -27.00
C LEU A 478 8.44 16.67 -26.56
N THR A 479 8.84 15.57 -27.22
CA THR A 479 8.31 14.22 -26.96
C THR A 479 8.96 13.59 -25.72
N VAL A 480 8.44 12.42 -25.27
CA VAL A 480 8.99 11.66 -24.14
C VAL A 480 10.46 11.36 -24.47
N GLY A 481 10.73 10.96 -25.72
CA GLY A 481 12.06 10.71 -26.24
C GLY A 481 12.96 11.93 -26.18
N ASP A 482 12.42 13.08 -26.62
CA ASP A 482 13.09 14.39 -26.62
C ASP A 482 13.53 14.80 -25.21
N VAL A 483 12.66 14.54 -24.18
CA VAL A 483 12.96 14.88 -22.78
C VAL A 483 13.95 13.87 -22.21
N TYR A 484 13.71 12.55 -22.42
CA TYR A 484 14.59 11.49 -21.89
C TYR A 484 16.03 11.69 -22.32
N LYS A 485 16.24 12.13 -23.60
CA LYS A 485 17.55 12.46 -24.18
C LYS A 485 18.24 13.63 -23.46
N LEU A 486 17.46 14.51 -22.80
CA LEU A 486 17.99 15.64 -22.06
C LEU A 486 18.56 15.17 -20.70
N LEU A 487 17.94 14.12 -20.13
CA LEU A 487 18.36 13.51 -18.87
C LEU A 487 19.65 12.71 -19.07
N LEU A 488 19.82 12.14 -20.28
CA LEU A 488 21.04 11.40 -20.63
C LEU A 488 22.17 12.38 -20.85
N ARG A 489 21.85 13.58 -21.36
CA ARG A 489 22.83 14.63 -21.57
C ARG A 489 23.31 15.18 -20.24
N TYR A 490 22.40 15.34 -19.26
CA TYR A 490 22.73 15.84 -17.93
C TYR A 490 23.72 14.93 -17.21
N TYR A 491 23.54 13.59 -17.28
CA TYR A 491 24.47 12.62 -16.68
C TYR A 491 25.87 12.79 -17.32
N ASN A 492 25.95 12.73 -18.66
CA ASN A 492 27.17 12.89 -19.43
C ASN A 492 27.90 14.19 -19.10
N GLU A 493 27.24 15.31 -19.33
CA GLU A 493 27.79 16.64 -19.12
C GLU A 493 28.04 17.05 -17.66
N GLU A 494 27.14 16.69 -16.72
CA GLU A 494 27.21 17.08 -15.31
C GLU A 494 27.40 16.00 -14.21
N CYS A 495 27.47 14.68 -14.56
CA CYS A 495 27.62 13.58 -13.57
C CYS A 495 28.72 12.51 -13.82
N ARG A 496 28.87 12.03 -15.09
CA ARG A 496 29.79 10.97 -15.53
C ARG A 496 31.22 11.03 -14.97
N ASN A 497 31.81 12.24 -14.90
CA ASN A 497 33.15 12.46 -14.33
C ASN A 497 33.14 13.56 -13.25
N CYS A 498 31.93 13.83 -12.67
CA CYS A 498 31.69 14.80 -11.59
C CYS A 498 31.97 14.13 -10.23
N SER A 499 33.19 14.41 -9.70
CA SER A 499 33.72 13.89 -8.43
C SER A 499 33.05 14.49 -7.18
N THR A 500 32.75 15.81 -7.21
CA THR A 500 32.12 16.56 -6.12
C THR A 500 30.71 16.00 -5.79
N PRO A 501 30.27 16.02 -4.49
CA PRO A 501 28.93 15.48 -4.15
C PRO A 501 27.72 16.23 -4.74
N GLY A 502 27.96 17.46 -5.20
CA GLY A 502 26.96 18.32 -5.83
C GLY A 502 27.48 18.80 -7.19
N PRO A 503 26.69 18.66 -8.28
CA PRO A 503 27.19 19.11 -9.60
C PRO A 503 27.08 20.63 -9.74
N ASP A 504 28.06 21.24 -10.47
CA ASP A 504 28.18 22.68 -10.73
C ASP A 504 26.84 23.31 -11.14
N ILE A 505 26.15 22.70 -12.13
CA ILE A 505 24.85 23.16 -12.65
C ILE A 505 23.71 22.15 -12.36
N LYS A 506 22.52 22.66 -12.01
CA LYS A 506 21.31 21.88 -11.68
C LYS A 506 20.55 21.43 -12.95
N LEU A 507 19.61 20.45 -12.80
CA LEU A 507 18.83 19.82 -13.89
C LEU A 507 17.90 20.72 -14.71
N TYR A 508 16.95 21.41 -14.08
CA TYR A 508 16.03 22.31 -14.80
C TYR A 508 16.82 23.47 -15.51
N PRO A 509 17.81 24.17 -14.87
CA PRO A 509 18.59 25.17 -15.62
C PRO A 509 19.28 24.60 -16.87
N PHE A 510 19.77 23.34 -16.77
CA PHE A 510 20.39 22.59 -17.86
C PHE A 510 19.39 22.35 -18.96
N ILE A 511 18.12 21.98 -18.60
CA ILE A 511 17.07 21.71 -19.58
C ILE A 511 16.70 22.97 -20.34
N TYR A 512 16.48 24.10 -19.63
CA TYR A 512 16.19 25.38 -20.29
C TYR A 512 17.33 25.77 -21.23
N HIS A 513 18.60 25.62 -20.77
N HIS A 513 18.60 25.63 -20.77
CA HIS A 513 19.82 25.91 -21.52
CA HIS A 513 19.78 25.95 -21.59
C HIS A 513 19.92 25.09 -22.82
C HIS A 513 19.89 25.10 -22.85
N ALA A 514 19.92 23.75 -22.69
CA ALA A 514 20.03 22.81 -23.82
C ALA A 514 19.01 23.04 -24.97
N VAL A 515 17.79 23.43 -24.60
CA VAL A 515 16.69 23.67 -25.53
C VAL A 515 16.81 25.07 -26.12
N GLU A 516 16.88 26.14 -25.28
CA GLU A 516 17.02 27.54 -25.75
C GLU A 516 18.17 27.69 -26.73
N SER A 517 19.39 27.21 -26.36
CA SER A 517 20.58 27.24 -27.22
C SER A 517 20.54 26.30 -28.47
N CYS A 518 19.39 25.63 -28.72
CA CYS A 518 19.18 24.77 -29.89
C CYS A 518 18.14 25.41 -30.83
S DMS B . -18.89 -18.37 -7.24
O DMS B . -19.87 -17.39 -7.76
C1 DMS B . -18.88 -19.68 -8.43
C2 DMS B . -17.29 -17.64 -7.49
C1 GOL C . 11.31 11.49 -30.90
O1 GOL C . 10.37 10.60 -30.34
C2 GOL C . 12.60 11.40 -30.14
O2 GOL C . 13.09 10.06 -30.19
C3 GOL C . 13.63 12.33 -30.75
O3 GOL C . 14.57 12.75 -29.78
C1 70J D . -0.99 10.20 2.99
C2 70J D . -1.15 8.92 2.25
C3 70J D . -2.12 9.29 3.34
C7 70J D . 2.64 14.55 3.75
C8 70J D . 3.06 13.73 2.69
C9 70J D . 2.11 13.02 1.94
C10 70J D . 4.49 13.59 2.36
C11 70J D . 4.99 15.14 4.23
C12 70J D . 3.23 16.09 5.68
C13 70J D . 3.10 17.56 5.39
C14 70J D . 2.07 18.04 4.60
C15 70J D . 1.94 19.40 4.35
C16 70J D . 2.84 20.30 4.90
C19 70J D . 6.80 14.21 2.88
O3 70J D . 5.81 15.74 4.88
N2 70J D . 3.63 15.26 4.51
C18 70J D . 3.97 18.47 5.96
C17 70J D . 3.85 19.83 5.71
C6 70J D . 1.27 14.65 4.02
C5 70J D . 0.34 13.96 3.26
N1 70J D . 5.36 14.32 3.16
O2 70J D . 4.91 12.90 1.45
C4 70J D . 0.77 13.17 2.21
S 70J D . -0.42 12.30 1.24
O 70J D . 0.28 11.35 0.44
O1 70J D . -1.27 13.26 0.61
N 70J D . -1.35 11.44 2.25
C 70J D . 0.15 10.39 3.99
H3 70J D . -0.46 8.09 2.39
H4 70J D . -1.47 8.95 1.21
H5 70J D . -3.14 9.56 3.10
H6 70J D . -2.13 8.72 4.27
H10 70J D . 2.45 12.42 1.09
H11 70J D . 3.97 15.93 6.48
H12 70J D . 2.32 15.76 6.16
H13 70J D . 1.36 17.37 4.12
H14 70J D . 1.14 19.75 3.70
H15 70J D . 2.73 21.36 4.71
H20 70J D . 7.14 15.08 2.32
H19 70J D . 7.43 14.15 3.76
H18 70J D . 7.05 13.34 2.28
H17 70J D . 4.79 18.13 6.60
H16 70J D . 4.55 20.53 6.17
H9 70J D . 0.85 15.25 4.83
H8 70J D . -0.72 14.04 3.52
H7 70J D . -2.30 11.70 2.50
H1 70J D . 0.37 9.46 4.53
H2 70J D . 1.07 10.69 3.50
H 70J D . -0.08 11.15 4.73
S SO4 E . 3.45 -23.47 20.09
O1 SO4 E . 4.23 -22.24 19.99
O2 SO4 E . 2.78 -23.53 21.40
O3 SO4 E . 2.46 -23.50 19.02
O4 SO4 E . 4.33 -24.63 19.92
S SO4 F . 34.60 9.00 -21.44
O1 SO4 F . 34.83 10.03 -20.44
O2 SO4 F . 33.18 8.82 -21.69
O3 SO4 F . 35.21 9.44 -22.69
O4 SO4 F . 35.18 7.72 -20.99
#